data_3K1T
#
_entry.id   3K1T
#
_cell.length_a   175.720
_cell.length_b   175.720
_cell.length_c   175.720
_cell.angle_alpha   90.000
_cell.angle_beta   90.000
_cell.angle_gamma   90.000
#
_symmetry.space_group_name_H-M   'I 2 3'
#
loop_
_entity.id
_entity.type
_entity.pdbx_description
1 polymer 'Glutamate--cysteine ligase GshA'
2 non-polymer 'SULFATE ION'
3 non-polymer 'CHLORIDE ION'
4 non-polymer GLYCEROL
5 water water
#
_entity_poly.entity_id   1
_entity_poly.type   'polypeptide(L)'
_entity_poly.pdbx_seq_one_letter_code
;G(MSE)(MSE)VPHLTTALTGPLLTLEKRLLDN(MSE)PRIEHWFRSQWQEYGAPFYASVDLRNAGFKLAPVDTNLFPGG
FNNLNPDFLPLCIQAA(MSE)VAVEKICPDARRLLLIPENHTRNTFYLRNVHALTHILRQAGLEVRIGSIAPEITAPTFL
ETHDGHSILLEPVRRKANRLELDNFDSCAILLNNDLSGGIPDILQGLEQSLIPPLHAGWATRRKSNHFTAYDRVVEEFAP
LIDIDPWLLNPYFDTCGGLDFHARLGEEQLAEKVDSLLAKIRRKYAEYGVKQEPFVIVKADAGTYG(MSE)GI(MSE)TV
KSADDVRDLNRKQRNK(MSE)SVVKEGLKVSEVILQEGVYTFEHLKDAVAEPVIY(MSE)(MSE)DHFVVGGFYRVHTSR
GADENLNAPG(MSE)HFEPLTFETPCSTPDCAGAPDAAPNRFYAYGVVARLALLAATIELQETDPDLLDERT
;
_entity_poly.pdbx_strand_id   A
#
# COMPACT_ATOMS: atom_id res chain seq x y z
N GLY A 1 -2.00 -0.55 -29.96
CA GLY A 1 -3.28 -1.34 -30.10
C GLY A 1 -3.88 -1.73 -28.75
N VAL A 4 -5.32 1.56 -23.01
CA VAL A 4 -4.86 1.90 -21.65
C VAL A 4 -5.75 2.99 -21.05
N PRO A 5 -5.67 3.19 -19.72
CA PRO A 5 -6.46 4.27 -19.12
C PRO A 5 -6.00 5.64 -19.61
N HIS A 6 -6.95 6.57 -19.74
CA HIS A 6 -6.66 7.97 -20.01
C HIS A 6 -7.40 8.86 -19.01
N LEU A 7 -6.81 9.99 -18.68
CA LEU A 7 -7.48 10.99 -17.88
C LEU A 7 -8.71 11.58 -18.57
N THR A 8 -9.76 11.81 -17.80
CA THR A 8 -10.98 12.41 -18.33
C THR A 8 -11.11 13.86 -17.84
N THR A 9 -9.98 14.45 -17.48
CA THR A 9 -9.99 15.83 -17.05
C THR A 9 -8.96 16.59 -17.88
N ALA A 10 -9.29 17.84 -18.18
CA ALA A 10 -8.35 18.77 -18.86
C ALA A 10 -7.55 19.58 -17.83
N LEU A 11 -7.93 19.52 -16.56
CA LEU A 11 -7.20 20.24 -15.53
CA LEU A 11 -7.20 20.23 -15.52
C LEU A 11 -6.04 19.37 -15.04
N THR A 12 -4.91 19.49 -15.72
CA THR A 12 -3.71 18.70 -15.48
C THR A 12 -2.46 19.55 -15.23
N GLY A 13 -2.63 20.87 -15.14
CA GLY A 13 -1.48 21.78 -14.95
C GLY A 13 -0.54 21.34 -13.84
N PRO A 14 -1.10 21.04 -12.64
CA PRO A 14 -0.18 20.64 -11.56
C PRO A 14 0.56 19.32 -11.80
N LEU A 15 -0.09 18.34 -12.40
CA LEU A 15 0.58 17.10 -12.75
C LEU A 15 1.73 17.40 -13.71
N LEU A 16 1.46 18.23 -14.73
CA LEU A 16 2.50 18.52 -15.72
C LEU A 16 3.65 19.33 -15.09
N THR A 17 3.33 20.20 -14.13
CA THR A 17 4.36 20.93 -13.39
C THR A 17 5.26 19.95 -12.61
N LEU A 18 4.64 19.04 -11.88
CA LEU A 18 5.39 17.98 -11.20
C LEU A 18 6.28 17.20 -12.15
N GLU A 19 5.70 16.73 -13.26
CA GLU A 19 6.48 15.98 -14.25
C GLU A 19 7.68 16.80 -14.76
N LYS A 20 7.47 18.07 -15.07
CA LYS A 20 8.55 18.94 -15.51
C LYS A 20 9.64 19.06 -14.44
N ARG A 21 9.26 19.26 -13.18
CA ARG A 21 10.25 19.35 -12.10
CA ARG A 21 10.24 19.33 -12.08
C ARG A 21 11.06 18.05 -11.98
N LEU A 22 10.40 16.88 -12.06
CA LEU A 22 11.09 15.58 -11.98
C LEU A 22 12.07 15.41 -13.15
N LEU A 23 11.63 15.78 -14.34
CA LEU A 23 12.44 15.60 -15.54
C LEU A 23 13.56 16.65 -15.67
N ASP A 24 13.50 17.72 -14.92
CA ASP A 24 14.61 18.70 -14.89
C ASP A 24 15.57 18.40 -13.74
N ASN A 25 15.26 17.39 -12.91
CA ASN A 25 16.07 17.08 -11.72
C ASN A 25 16.38 15.58 -11.61
N PRO A 27 18.84 13.22 -12.39
CA PRO A 27 20.00 12.71 -11.64
C PRO A 27 20.04 13.16 -10.16
N ARG A 28 19.64 14.39 -9.86
CA ARG A 28 19.58 14.83 -8.48
CA ARG A 28 19.55 14.88 -8.49
C ARG A 28 18.65 13.97 -7.65
N ILE A 29 17.49 13.66 -8.21
CA ILE A 29 16.52 12.79 -7.55
C ILE A 29 17.06 11.38 -7.29
N GLU A 30 17.66 10.76 -8.31
CA GLU A 30 18.19 9.42 -8.15
C GLU A 30 19.37 9.37 -7.14
N HIS A 31 20.23 10.38 -7.18
CA HIS A 31 21.28 10.52 -6.19
C HIS A 31 20.71 10.68 -4.79
N TRP A 32 19.64 11.47 -4.67
CA TRP A 32 19.00 11.66 -3.36
C TRP A 32 18.43 10.33 -2.84
N PHE A 33 17.74 9.58 -3.68
CA PHE A 33 17.20 8.30 -3.24
C PHE A 33 18.33 7.37 -2.79
N ARG A 34 19.41 7.30 -3.56
CA ARG A 34 20.55 6.46 -3.13
C ARG A 34 21.07 6.86 -1.75
N SER A 35 21.18 8.17 -1.46
CA SER A 35 21.57 8.59 -0.13
C SER A 35 20.57 8.09 0.93
N GLN A 36 19.28 8.14 0.62
CA GLN A 36 18.26 7.67 1.57
C GLN A 36 18.35 6.19 1.87
N TRP A 37 18.52 5.38 0.82
CA TRP A 37 18.57 3.92 1.00
C TRP A 37 19.85 3.51 1.77
N GLN A 38 20.95 4.26 1.63
CA GLN A 38 22.17 3.98 2.41
C GLN A 38 21.91 4.14 3.89
N GLU A 39 21.09 5.12 4.25
CA GLU A 39 20.74 5.35 5.64
C GLU A 39 19.67 4.40 6.18
N TYR A 40 18.63 4.09 5.38
CA TYR A 40 17.46 3.38 5.86
C TYR A 40 17.15 1.93 5.44
N GLY A 41 17.80 1.50 4.37
N GLY A 41 17.67 1.40 4.35
CA GLY A 41 17.49 0.23 3.72
CA GLY A 41 17.39 -0.02 4.05
C GLY A 41 16.16 0.46 3.06
C GLY A 41 15.91 -0.37 3.78
N ALA A 42 15.54 -0.66 2.67
N ALA A 42 15.61 -0.55 2.52
CA ALA A 42 14.21 -0.74 2.08
CA ALA A 42 14.25 -0.75 2.05
C ALA A 42 13.64 -2.11 2.47
N PRO A 43 12.31 -2.23 2.46
CA PRO A 43 11.70 -3.52 2.74
C PRO A 43 12.02 -4.54 1.63
N PHE A 44 11.79 -5.81 1.92
CA PHE A 44 11.97 -6.89 0.95
C PHE A 44 11.09 -6.65 -0.28
N TYR A 45 9.80 -6.32 -0.02
CA TYR A 45 8.83 -6.03 -1.05
C TYR A 45 7.75 -5.08 -0.54
N ALA A 46 7.01 -4.47 -1.48
CA ALA A 46 5.96 -3.52 -1.14
C ALA A 46 5.15 -3.15 -2.36
N SER A 47 3.93 -2.69 -2.11
CA SER A 47 3.13 -2.07 -3.17
C SER A 47 2.53 -0.78 -2.67
N VAL A 48 2.42 0.21 -3.58
CA VAL A 48 1.86 1.49 -3.22
C VAL A 48 0.77 1.85 -4.22
N ASP A 49 -0.43 2.14 -3.71
CA ASP A 49 -1.57 2.62 -4.48
C ASP A 49 -1.44 4.13 -4.64
N LEU A 50 -1.55 4.63 -5.88
CA LEU A 50 -1.57 6.04 -6.15
C LEU A 50 -2.93 6.48 -6.74
N ARG A 51 -3.22 7.77 -6.61
CA ARG A 51 -4.28 8.42 -7.36
C ARG A 51 -3.77 9.65 -8.08
N ASN A 52 -4.08 9.70 -9.38
CA ASN A 52 -3.76 10.83 -10.26
C ASN A 52 -5.07 11.62 -10.47
N ALA A 53 -5.12 12.79 -9.86
CA ALA A 53 -6.28 13.68 -9.89
C ALA A 53 -6.09 14.76 -10.96
N GLY A 54 -4.95 14.76 -11.66
CA GLY A 54 -4.61 15.86 -12.59
C GLY A 54 -4.09 17.09 -11.85
N PHE A 55 -4.74 17.45 -10.75
CA PHE A 55 -4.26 18.53 -9.89
C PHE A 55 -3.38 18.08 -8.70
N LYS A 56 -3.15 16.77 -8.62
CA LYS A 56 -2.45 16.14 -7.51
C LYS A 56 -2.06 14.73 -7.92
N LEU A 57 -0.94 14.22 -7.40
CA LEU A 57 -0.53 12.82 -7.59
C LEU A 57 0.00 12.32 -6.23
N ALA A 58 -0.77 11.46 -5.57
CA ALA A 58 -0.51 11.13 -4.17
C ALA A 58 -0.70 9.65 -3.89
N PRO A 59 0.12 9.12 -2.97
CA PRO A 59 -0.11 7.78 -2.50
C PRO A 59 -1.25 7.71 -1.51
N VAL A 60 -2.06 6.66 -1.63
CA VAL A 60 -3.21 6.47 -0.76
C VAL A 60 -3.21 5.17 0.04
N ASP A 61 -2.25 4.27 -0.23
CA ASP A 61 -2.07 3.05 0.57
C ASP A 61 -0.67 2.48 0.32
N THR A 62 -0.03 2.01 1.38
CA THR A 62 1.26 1.31 1.29
C THR A 62 1.05 -0.06 1.92
N ASN A 63 1.40 -1.10 1.18
CA ASN A 63 1.23 -2.47 1.65
C ASN A 63 2.60 -3.17 1.68
N LEU A 64 3.04 -3.57 2.86
CA LEU A 64 4.32 -4.33 2.99
C LEU A 64 4.16 -5.83 2.82
N PHE A 65 2.96 -6.27 2.45
CA PHE A 65 2.61 -7.66 2.18
C PHE A 65 1.80 -7.79 0.88
N PRO A 66 2.39 -7.38 -0.26
CA PRO A 66 1.60 -7.30 -1.49
C PRO A 66 1.05 -8.65 -1.93
N GLY A 67 -0.19 -8.64 -2.40
CA GLY A 67 -0.89 -9.87 -2.73
C GLY A 67 -1.39 -10.01 -4.15
N GLY A 68 -0.80 -9.25 -5.08
CA GLY A 68 -1.22 -9.26 -6.46
C GLY A 68 -0.06 -9.54 -7.43
N PHE A 69 0.88 -10.39 -7.02
CA PHE A 69 2.01 -10.78 -7.90
C PHE A 69 1.60 -11.44 -9.19
N ASN A 70 0.45 -12.07 -9.21
CA ASN A 70 -0.06 -12.70 -10.41
C ASN A 70 -0.55 -11.70 -11.47
N ASN A 71 -0.67 -10.43 -11.08
CA ASN A 71 -1.15 -9.36 -11.97
C ASN A 71 -0.05 -8.63 -12.70
N LEU A 72 1.20 -8.96 -12.36
CA LEU A 72 2.36 -8.33 -12.96
C LEU A 72 2.54 -8.80 -14.38
N ASN A 73 3.11 -7.94 -15.20
CA ASN A 73 3.32 -8.26 -16.62
C ASN A 73 4.41 -9.33 -16.75
N PRO A 74 4.06 -10.50 -17.34
CA PRO A 74 5.09 -11.57 -17.39
C PRO A 74 6.34 -11.23 -18.20
N ASP A 75 6.26 -10.23 -19.08
CA ASP A 75 7.44 -9.77 -19.82
C ASP A 75 8.51 -9.17 -18.88
N PHE A 76 8.10 -8.76 -17.68
CA PHE A 76 9.01 -8.19 -16.73
C PHE A 76 9.47 -9.15 -15.64
N LEU A 77 9.24 -10.44 -15.81
CA LEU A 77 9.70 -11.41 -14.82
C LEU A 77 11.22 -11.33 -14.55
N PRO A 78 12.04 -11.20 -15.60
CA PRO A 78 13.49 -11.09 -15.33
C PRO A 78 13.87 -9.89 -14.45
N LEU A 79 13.16 -8.78 -14.62
CA LEU A 79 13.40 -7.60 -13.78
C LEU A 79 13.00 -7.88 -12.33
N CYS A 80 11.87 -8.56 -12.14
CA CYS A 80 11.45 -8.98 -10.79
CA CYS A 80 11.44 -8.94 -10.81
C CYS A 80 12.40 -9.92 -10.13
N ILE A 81 12.87 -10.90 -10.88
CA ILE A 81 13.81 -11.89 -10.38
C ILE A 81 15.11 -11.22 -9.91
N GLN A 82 15.62 -10.30 -10.74
CA GLN A 82 16.85 -9.61 -10.39
C GLN A 82 16.67 -8.78 -9.11
N ALA A 83 15.55 -8.06 -9.02
CA ALA A 83 15.28 -7.25 -7.83
C ALA A 83 15.12 -8.14 -6.59
N ALA A 84 14.45 -9.28 -6.76
CA ALA A 84 14.29 -10.22 -5.65
C ALA A 84 15.66 -10.73 -5.21
N VAL A 86 18.54 -9.06 -5.37
CA VAL A 86 19.09 -7.94 -4.59
C VAL A 86 18.51 -7.93 -3.17
N ALA A 87 17.18 -8.06 -3.06
CA ALA A 87 16.50 -8.11 -1.75
C ALA A 87 17.06 -9.25 -0.88
N VAL A 88 17.17 -10.45 -1.44
CA VAL A 88 17.79 -11.57 -0.73
C VAL A 88 19.21 -11.23 -0.23
N GLU A 89 20.03 -10.66 -1.10
CA GLU A 89 21.40 -10.30 -0.72
C GLU A 89 21.49 -9.24 0.38
N LYS A 90 20.51 -8.34 0.49
CA LYS A 90 20.52 -7.29 1.51
C LYS A 90 19.87 -7.75 2.81
N ILE A 91 18.81 -8.53 2.70
CA ILE A 91 17.96 -8.84 3.86
CA ILE A 91 17.96 -8.84 3.86
C ILE A 91 18.21 -10.23 4.44
N CYS A 92 18.53 -11.19 3.60
CA CYS A 92 18.85 -12.55 4.13
C CYS A 92 19.98 -13.19 3.30
N PRO A 93 21.20 -12.61 3.40
CA PRO A 93 22.24 -12.90 2.42
C PRO A 93 22.68 -14.33 2.32
N ASP A 94 22.56 -15.07 3.43
CA ASP A 94 23.10 -16.41 3.51
C ASP A 94 22.01 -17.48 3.40
N ALA A 95 20.77 -17.04 3.20
CA ALA A 95 19.63 -17.93 3.12
C ALA A 95 19.75 -18.92 1.98
N ARG A 96 19.49 -20.18 2.29
CA ARG A 96 19.29 -21.19 1.27
C ARG A 96 17.78 -21.45 1.09
N ARG A 97 17.06 -21.43 2.21
CA ARG A 97 15.66 -21.86 2.28
CA ARG A 97 15.66 -21.85 2.28
C ARG A 97 14.79 -20.71 2.82
N LEU A 98 13.57 -20.59 2.31
CA LEU A 98 12.65 -19.57 2.78
C LEU A 98 11.29 -20.17 3.02
N LEU A 99 10.75 -19.96 4.21
CA LEU A 99 9.38 -20.35 4.53
C LEU A 99 8.50 -19.15 4.25
N LEU A 100 7.49 -19.35 3.40
CA LEU A 100 6.53 -18.32 3.03
CA LEU A 100 6.54 -18.33 3.01
C LEU A 100 5.21 -18.57 3.77
N ILE A 101 4.81 -17.61 4.60
CA ILE A 101 3.52 -17.69 5.30
C ILE A 101 2.46 -16.82 4.58
N PRO A 102 1.42 -17.46 4.02
CA PRO A 102 0.37 -16.75 3.28
C PRO A 102 -0.72 -16.23 4.19
N GLU A 103 -1.56 -15.34 3.67
CA GLU A 103 -2.82 -14.99 4.32
C GLU A 103 -3.59 -16.31 4.57
N ASN A 104 -4.45 -16.33 5.59
CA ASN A 104 -5.21 -17.54 5.93
C ASN A 104 -6.27 -17.97 4.86
N HIS A 105 -6.49 -17.13 3.84
CA HIS A 105 -7.33 -17.46 2.67
C HIS A 105 -6.97 -18.75 1.89
N THR A 106 -7.89 -19.70 1.87
CA THR A 106 -7.72 -20.89 1.05
C THR A 106 -8.75 -20.99 -0.10
N ARG A 107 -9.73 -20.07 -0.15
CA ARG A 107 -10.81 -20.13 -1.15
C ARG A 107 -10.78 -19.00 -2.17
N ASN A 108 -9.94 -17.98 -1.98
CA ASN A 108 -9.79 -16.94 -3.00
C ASN A 108 -8.78 -17.41 -4.08
N THR A 109 -9.30 -17.71 -5.27
CA THR A 109 -8.50 -18.25 -6.38
C THR A 109 -7.41 -17.26 -6.80
N PHE A 110 -7.75 -15.96 -6.80
CA PHE A 110 -6.78 -14.94 -7.16
C PHE A 110 -5.65 -14.83 -6.15
N TYR A 111 -5.98 -14.93 -4.85
CA TYR A 111 -4.97 -14.93 -3.81
C TYR A 111 -4.02 -16.17 -3.97
N LEU A 112 -4.59 -17.33 -4.25
CA LEU A 112 -3.77 -18.53 -4.50
C LEU A 112 -2.89 -18.35 -5.76
N ARG A 113 -3.40 -17.71 -6.78
CA ARG A 113 -2.56 -17.38 -7.94
C ARG A 113 -1.42 -16.44 -7.60
N ASN A 114 -1.69 -15.47 -6.72
CA ASN A 114 -0.62 -14.63 -6.19
C ASN A 114 0.46 -15.45 -5.49
N VAL A 115 0.04 -16.37 -4.63
CA VAL A 115 1.00 -17.24 -3.95
C VAL A 115 1.87 -18.01 -4.90
N HIS A 116 1.28 -18.60 -5.92
CA HIS A 116 2.04 -19.30 -6.95
C HIS A 116 3.05 -18.40 -7.68
N ALA A 117 2.60 -17.22 -8.08
CA ALA A 117 3.45 -16.23 -8.81
C ALA A 117 4.61 -15.74 -7.94
N LEU A 118 4.32 -15.42 -6.67
CA LEU A 118 5.34 -15.02 -5.71
C LEU A 118 6.38 -16.13 -5.45
N THR A 119 5.89 -17.34 -5.25
CA THR A 119 6.76 -18.50 -5.02
CA THR A 119 6.82 -18.45 -4.98
C THR A 119 7.70 -18.72 -6.22
N HIS A 120 7.15 -18.54 -7.41
CA HIS A 120 7.91 -18.70 -8.65
C HIS A 120 9.07 -17.70 -8.72
N ILE A 121 8.77 -16.44 -8.43
CA ILE A 121 9.83 -15.41 -8.39
C ILE A 121 10.94 -15.76 -7.42
N LEU A 122 10.55 -16.18 -6.21
CA LEU A 122 11.51 -16.48 -5.16
C LEU A 122 12.38 -17.71 -5.50
N ARG A 123 11.79 -18.71 -6.14
CA ARG A 123 12.54 -19.89 -6.61
C ARG A 123 13.52 -19.50 -7.73
N GLN A 124 13.05 -18.69 -8.65
CA GLN A 124 13.95 -18.17 -9.72
C GLN A 124 15.09 -17.31 -9.17
N ALA A 125 14.88 -16.72 -7.99
CA ALA A 125 15.94 -16.00 -7.29
C ALA A 125 16.92 -16.94 -6.60
N GLY A 126 16.67 -18.24 -6.68
CA GLY A 126 17.59 -19.24 -6.18
C GLY A 126 17.34 -19.73 -4.76
N LEU A 127 16.15 -19.49 -4.25
CA LEU A 127 15.77 -20.01 -2.93
C LEU A 127 14.95 -21.31 -3.06
N GLU A 128 15.13 -22.22 -2.09
CA GLU A 128 14.21 -23.34 -1.91
C GLU A 128 13.07 -22.79 -1.05
N VAL A 129 11.84 -22.84 -1.56
CA VAL A 129 10.71 -22.14 -0.92
C VAL A 129 9.62 -23.17 -0.65
N ARG A 130 9.02 -23.11 0.54
CA ARG A 130 7.84 -23.91 0.88
C ARG A 130 6.83 -22.99 1.55
N ILE A 131 5.56 -23.37 1.47
CA ILE A 131 4.48 -22.54 1.95
CA ILE A 131 4.47 -22.55 1.94
C ILE A 131 3.96 -23.11 3.27
N GLY A 132 4.15 -22.33 4.33
CA GLY A 132 3.74 -22.74 5.69
C GLY A 132 2.51 -21.98 6.13
N SER A 133 1.41 -22.69 6.25
CA SER A 133 0.17 -22.12 6.74
C SER A 133 0.11 -21.99 8.26
N ILE A 134 -0.45 -20.89 8.74
CA ILE A 134 -0.82 -20.74 10.15
C ILE A 134 -2.33 -20.73 10.30
N ALA A 135 -3.05 -21.21 9.27
CA ALA A 135 -4.50 -21.26 9.32
C ALA A 135 -4.87 -22.51 10.14
N PRO A 136 -5.71 -22.34 11.16
CA PRO A 136 -5.99 -23.44 12.09
C PRO A 136 -6.69 -24.66 11.44
N GLU A 137 -7.41 -24.42 10.36
CA GLU A 137 -8.04 -25.48 9.57
C GLU A 137 -7.10 -26.28 8.64
N ILE A 138 -5.87 -25.84 8.45
CA ILE A 138 -4.90 -26.63 7.70
C ILE A 138 -4.16 -27.48 8.72
N THR A 139 -4.45 -28.78 8.75
CA THR A 139 -3.86 -29.67 9.72
C THR A 139 -2.99 -30.76 9.08
N ALA A 140 -2.90 -30.75 7.75
CA ALA A 140 -2.04 -31.68 7.02
C ALA A 140 -1.70 -31.04 5.67
N PRO A 141 -0.68 -31.57 4.98
CA PRO A 141 -0.39 -31.05 3.63
C PRO A 141 -1.63 -31.05 2.76
N THR A 142 -1.91 -29.91 2.14
CA THR A 142 -3.17 -29.68 1.46
C THR A 142 -2.88 -29.02 0.11
N PHE A 143 -3.32 -29.67 -0.96
CA PHE A 143 -3.12 -29.15 -2.32
C PHE A 143 -4.35 -28.38 -2.71
N LEU A 144 -4.15 -27.12 -3.10
CA LEU A 144 -5.25 -26.24 -3.52
C LEU A 144 -5.09 -25.82 -4.99
N GLU A 145 -6.15 -26.02 -5.76
CA GLU A 145 -6.13 -25.74 -7.20
C GLU A 145 -6.22 -24.26 -7.47
N THR A 146 -5.41 -23.76 -8.40
CA THR A 146 -5.54 -22.37 -8.82
C THR A 146 -6.51 -22.24 -10.04
N HIS A 147 -7.08 -23.34 -10.50
CA HIS A 147 -8.06 -23.34 -11.62
C HIS A 147 -7.48 -22.79 -12.93
N ASP A 148 -6.22 -23.15 -13.17
CA ASP A 148 -5.49 -22.72 -14.31
C ASP A 148 -4.45 -23.79 -14.65
N GLY A 149 -4.75 -25.04 -14.33
CA GLY A 149 -3.82 -26.15 -14.54
C GLY A 149 -2.74 -26.36 -13.48
N HIS A 150 -2.72 -25.53 -12.43
CA HIS A 150 -1.72 -25.62 -11.36
C HIS A 150 -2.35 -25.78 -9.98
N SER A 151 -1.50 -26.03 -9.00
CA SER A 151 -1.93 -26.03 -7.63
C SER A 151 -0.77 -25.59 -6.73
N ILE A 152 -1.10 -25.16 -5.52
CA ILE A 152 -0.08 -24.87 -4.56
C ILE A 152 -0.28 -25.87 -3.39
N LEU A 153 0.81 -26.14 -2.70
CA LEU A 153 0.82 -27.08 -1.58
C LEU A 153 0.98 -26.25 -0.30
N LEU A 154 -0.01 -26.32 0.58
CA LEU A 154 0.03 -25.67 1.89
C LEU A 154 0.32 -26.71 2.93
N GLU A 155 1.27 -26.42 3.81
CA GLU A 155 1.67 -27.33 4.87
C GLU A 155 1.52 -26.61 6.21
N PRO A 156 0.96 -27.29 7.23
CA PRO A 156 0.86 -26.61 8.53
C PRO A 156 2.23 -26.32 9.18
N VAL A 157 2.45 -25.10 9.65
CA VAL A 157 3.67 -24.75 10.36
CA VAL A 157 3.71 -24.80 10.34
C VAL A 157 3.74 -25.61 11.64
N ARG A 158 4.91 -26.11 11.97
CA ARG A 158 5.16 -26.81 13.24
C ARG A 158 6.22 -26.03 13.98
N ARG A 159 5.96 -25.69 15.25
CA ARG A 159 7.01 -25.04 16.04
C ARG A 159 7.69 -26.05 16.94
N LYS A 160 9.03 -26.08 16.83
CA LYS A 160 9.90 -26.93 17.64
CA LYS A 160 9.87 -26.91 17.68
C LYS A 160 11.04 -26.07 18.19
N ALA A 161 11.20 -25.96 19.51
CA ALA A 161 12.40 -25.24 20.07
C ALA A 161 12.74 -23.87 19.44
N ASN A 162 11.77 -23.00 19.42
CA ASN A 162 11.98 -21.65 18.87
C ASN A 162 12.28 -21.54 17.37
N ARG A 163 11.89 -22.56 16.62
CA ARG A 163 11.98 -22.51 15.16
C ARG A 163 10.68 -23.03 14.55
N LEU A 164 10.29 -22.46 13.42
CA LEU A 164 9.21 -23.02 12.62
C LEU A 164 9.78 -23.99 11.59
N GLU A 165 9.17 -25.17 11.47
CA GLU A 165 9.61 -26.18 10.53
CA GLU A 165 9.61 -26.16 10.49
C GLU A 165 8.43 -26.78 9.75
N LEU A 166 8.77 -27.40 8.61
CA LEU A 166 7.86 -28.27 7.85
C LEU A 166 8.61 -29.60 7.69
N ASP A 167 7.99 -30.56 7.01
CA ASP A 167 8.57 -31.90 6.82
C ASP A 167 9.93 -31.78 6.16
N ASN A 168 10.98 -32.20 6.87
CA ASN A 168 12.33 -32.12 6.33
C ASN A 168 12.67 -30.73 5.75
N PHE A 169 12.30 -29.66 6.47
CA PHE A 169 12.49 -28.31 5.95
C PHE A 169 12.65 -27.33 7.10
N ASP A 170 13.86 -26.85 7.29
CA ASP A 170 14.10 -25.85 8.32
C ASP A 170 14.69 -24.62 7.68
N SER A 171 13.92 -23.53 7.62
CA SER A 171 14.39 -22.37 6.91
C SER A 171 15.18 -21.47 7.77
N CYS A 172 15.93 -20.68 7.04
CA CYS A 172 16.81 -19.69 7.55
CA CYS A 172 16.77 -19.65 7.66
CA CYS A 172 16.77 -19.66 7.68
C CYS A 172 15.94 -18.43 8.02
N ALA A 173 15.00 -18.06 7.17
CA ALA A 173 14.16 -16.91 7.39
C ALA A 173 12.73 -17.21 6.99
N ILE A 174 11.84 -16.31 7.38
CA ILE A 174 10.40 -16.47 7.18
C ILE A 174 9.86 -15.22 6.51
N LEU A 175 9.27 -15.37 5.33
CA LEU A 175 8.67 -14.26 4.62
C LEU A 175 7.19 -14.22 4.85
N LEU A 176 6.71 -13.14 5.44
CA LEU A 176 5.29 -12.92 5.61
C LEU A 176 4.61 -12.39 4.36
N ASN A 177 3.61 -13.11 3.86
CA ASN A 177 2.66 -12.56 2.89
C ASN A 177 1.27 -12.46 3.55
N ASN A 178 1.29 -12.29 4.87
CA ASN A 178 0.11 -12.22 5.75
C ASN A 178 0.38 -10.98 6.62
N ASP A 179 -0.49 -9.99 6.59
CA ASP A 179 -0.18 -8.72 7.24
C ASP A 179 -0.35 -8.76 8.77
N LEU A 180 -0.85 -9.86 9.33
CA LEU A 180 -0.94 -10.03 10.79
C LEU A 180 -1.68 -8.83 11.47
N SER A 181 -2.63 -8.23 10.75
CA SER A 181 -3.36 -7.07 11.27
C SER A 181 -4.28 -7.44 12.44
N GLY A 182 -4.64 -8.71 12.54
CA GLY A 182 -5.35 -9.26 13.67
C GLY A 182 -4.49 -9.53 14.91
N GLY A 183 -3.20 -9.22 14.85
CA GLY A 183 -2.24 -9.48 15.92
C GLY A 183 -1.24 -10.56 15.54
N ILE A 184 0.01 -10.40 15.96
CA ILE A 184 1.03 -11.43 15.76
C ILE A 184 0.71 -12.64 16.67
N PRO A 185 0.43 -13.81 16.08
CA PRO A 185 0.13 -15.00 16.88
C PRO A 185 1.29 -15.37 17.74
N ASP A 186 1.02 -15.90 18.92
CA ASP A 186 2.07 -16.34 19.83
C ASP A 186 3.07 -17.34 19.21
N ILE A 187 2.60 -18.21 18.32
CA ILE A 187 3.46 -19.17 17.62
C ILE A 187 4.56 -18.50 16.76
N LEU A 188 4.36 -17.25 16.38
CA LEU A 188 5.37 -16.50 15.62
C LEU A 188 6.26 -15.60 16.50
N GLN A 189 6.09 -15.65 17.82
CA GLN A 189 6.86 -14.78 18.73
C GLN A 189 8.04 -15.52 19.38
N GLY A 190 9.16 -14.81 19.54
CA GLY A 190 10.34 -15.35 20.20
C GLY A 190 11.06 -16.43 19.40
N LEU A 191 10.98 -16.35 18.07
CA LEU A 191 11.64 -17.33 17.20
C LEU A 191 13.11 -16.98 16.97
N GLU A 192 13.91 -18.00 16.68
CA GLU A 192 15.30 -17.83 16.23
C GLU A 192 15.42 -17.31 14.79
N GLN A 193 14.46 -17.65 13.95
CA GLN A 193 14.46 -17.24 12.54
C GLN A 193 13.95 -15.81 12.40
N SER A 194 14.53 -15.04 11.50
CA SER A 194 14.04 -13.68 11.26
C SER A 194 12.76 -13.66 10.47
N LEU A 195 11.82 -12.82 10.91
CA LEU A 195 10.65 -12.55 10.13
C LEU A 195 10.95 -11.39 9.14
N ILE A 196 10.36 -11.48 7.96
CA ILE A 196 10.48 -10.47 6.92
C ILE A 196 9.08 -10.04 6.49
N PRO A 197 8.70 -8.78 6.75
CA PRO A 197 9.39 -7.75 7.50
C PRO A 197 9.51 -8.14 8.98
N PRO A 198 10.46 -7.52 9.72
CA PRO A 198 10.66 -8.01 11.07
C PRO A 198 9.68 -7.40 12.07
N LEU A 199 8.48 -7.95 12.15
CA LEU A 199 7.45 -7.44 13.05
C LEU A 199 7.63 -8.04 14.44
N HIS A 200 7.26 -7.23 15.43
CA HIS A 200 7.25 -7.61 16.87
C HIS A 200 5.87 -7.34 17.49
N ALA A 201 5.54 -8.12 18.53
CA ALA A 201 4.28 -7.95 19.30
C ALA A 201 4.09 -6.45 19.54
N GLY A 202 2.88 -5.95 19.29
CA GLY A 202 2.61 -4.51 19.41
C GLY A 202 2.32 -3.94 18.02
N TRP A 203 2.87 -4.61 16.99
CA TRP A 203 2.69 -4.21 15.60
C TRP A 203 1.25 -3.83 15.30
N ALA A 204 0.32 -4.72 15.66
CA ALA A 204 -1.07 -4.60 15.21
C ALA A 204 -1.85 -3.49 15.94
N THR A 205 -1.32 -3.01 17.06
CA THR A 205 -1.95 -1.94 17.81
C THR A 205 -1.06 -0.70 17.83
N ARG A 206 -0.12 -0.61 16.89
CA ARG A 206 0.70 0.59 16.75
C ARG A 206 -0.17 1.82 16.41
N ARG A 207 0.41 3.01 16.54
CA ARG A 207 -0.33 4.23 16.23
C ARG A 207 -0.23 4.44 14.73
N LYS A 208 -1.31 4.15 14.04
CA LYS A 208 -1.26 4.10 12.57
C LYS A 208 -1.07 5.48 11.94
N SER A 209 -1.37 6.56 12.67
CA SER A 209 -1.16 7.92 12.11
C SER A 209 0.32 8.25 11.90
N ASN A 210 1.21 7.48 12.54
CA ASN A 210 2.65 7.65 12.34
C ASN A 210 3.03 7.42 10.88
N HIS A 211 2.27 6.61 10.17
CA HIS A 211 2.47 6.40 8.72
C HIS A 211 2.35 7.73 7.93
N PHE A 212 1.35 8.54 8.27
CA PHE A 212 1.08 9.81 7.57
C PHE A 212 2.10 10.87 7.96
N THR A 213 2.51 10.88 9.22
CA THR A 213 3.56 11.77 9.71
CA THR A 213 3.55 11.81 9.65
C THR A 213 4.90 11.46 9.03
N ALA A 214 5.20 10.17 8.86
CA ALA A 214 6.46 9.78 8.25
C ALA A 214 6.51 10.24 6.77
N TYR A 215 5.39 10.10 6.06
CA TYR A 215 5.31 10.57 4.68
C TYR A 215 5.41 12.12 4.62
N ASP A 216 4.77 12.84 5.54
CA ASP A 216 4.98 14.28 5.65
C ASP A 216 6.46 14.65 5.73
N ARG A 217 7.21 13.97 6.60
CA ARG A 217 8.64 14.24 6.77
CA ARG A 217 8.63 14.28 6.76
C ARG A 217 9.42 13.99 5.48
N VAL A 218 9.12 12.90 4.78
CA VAL A 218 9.78 12.62 3.49
C VAL A 218 9.49 13.73 2.46
N VAL A 219 8.22 14.11 2.33
CA VAL A 219 7.81 15.14 1.37
C VAL A 219 8.41 16.51 1.75
N GLU A 220 8.52 16.81 3.03
CA GLU A 220 9.13 18.06 3.51
C GLU A 220 10.57 18.18 3.08
N GLU A 221 11.26 17.06 2.89
CA GLU A 221 12.60 17.11 2.34
C GLU A 221 12.62 17.08 0.81
N PHE A 222 11.77 16.26 0.21
CA PHE A 222 11.80 16.09 -1.24
C PHE A 222 11.24 17.28 -2.00
N ALA A 223 10.17 17.87 -1.52
CA ALA A 223 9.53 18.96 -2.26
C ALA A 223 10.49 20.16 -2.52
N PRO A 224 11.25 20.59 -1.51
CA PRO A 224 12.23 21.65 -1.81
C PRO A 224 13.40 21.23 -2.68
N LEU A 225 13.76 19.94 -2.67
CA LEU A 225 14.80 19.39 -3.56
C LEU A 225 14.47 19.70 -5.02
N ILE A 226 13.20 19.56 -5.39
CA ILE A 226 12.78 19.73 -6.79
C ILE A 226 11.96 21.03 -6.98
N ASP A 227 11.77 21.80 -5.93
CA ASP A 227 10.99 23.05 -5.92
C ASP A 227 9.54 22.89 -6.39
N ILE A 228 8.78 22.07 -5.66
CA ILE A 228 7.36 21.83 -5.96
C ILE A 228 6.52 22.11 -4.69
N ASP A 229 5.26 22.53 -4.86
CA ASP A 229 4.30 22.64 -3.76
C ASP A 229 4.13 21.22 -3.16
N PRO A 230 4.48 21.00 -1.88
CA PRO A 230 4.34 19.65 -1.31
C PRO A 230 2.93 19.09 -1.35
N TRP A 231 1.92 19.97 -1.40
CA TRP A 231 0.52 19.55 -1.47
C TRP A 231 0.22 18.75 -2.75
N LEU A 232 1.01 18.96 -3.80
CA LEU A 232 0.80 18.19 -5.05
C LEU A 232 1.11 16.69 -4.88
N LEU A 233 1.85 16.34 -3.83
CA LEU A 233 2.28 14.98 -3.56
C LEU A 233 1.66 14.38 -2.29
N ASN A 234 0.93 15.16 -1.50
CA ASN A 234 0.63 14.76 -0.12
C ASN A 234 -0.77 15.21 0.33
N PRO A 235 -1.64 14.25 0.69
CA PRO A 235 -2.95 14.71 1.23
C PRO A 235 -2.81 15.30 2.63
N TYR A 236 -3.59 16.34 2.95
CA TYR A 236 -3.66 16.82 4.32
C TYR A 236 -4.27 15.73 5.19
N PHE A 237 -3.95 15.75 6.47
CA PHE A 237 -4.65 14.89 7.43
C PHE A 237 -4.73 15.49 8.84
N ASP A 238 -5.56 14.87 9.66
CA ASP A 238 -5.64 15.22 11.10
C ASP A 238 -6.06 13.95 11.86
N THR A 239 -6.03 13.98 13.18
CA THR A 239 -6.40 12.84 13.98
C THR A 239 -7.22 13.27 15.19
N CYS A 240 -8.01 12.33 15.72
CA CYS A 240 -8.38 12.44 17.12
C CYS A 240 -8.32 11.13 17.84
N GLY A 241 -8.53 11.15 19.14
CA GLY A 241 -8.39 9.94 19.96
C GLY A 241 -9.54 8.99 19.74
N GLY A 242 -9.64 7.95 20.57
CA GLY A 242 -10.72 7.01 20.45
C GLY A 242 -12.03 7.70 20.74
N LEU A 243 -13.06 7.29 20.03
CA LEU A 243 -14.40 7.83 20.23
C LEU A 243 -15.35 6.66 20.34
N ASP A 244 -16.44 6.89 21.07
CA ASP A 244 -17.57 5.96 21.16
C ASP A 244 -18.59 6.36 20.09
N PHE A 245 -18.62 5.60 19.00
CA PHE A 245 -19.56 5.88 17.89
C PHE A 245 -21.00 5.43 18.17
N HIS A 246 -21.24 4.81 19.32
CA HIS A 246 -22.64 4.63 19.78
C HIS A 246 -23.16 5.72 20.70
N ALA A 247 -22.37 6.77 20.90
CA ALA A 247 -22.83 7.93 21.63
C ALA A 247 -22.47 9.18 20.83
N ARG A 248 -22.87 10.35 21.33
CA ARG A 248 -22.61 11.59 20.62
C ARG A 248 -21.62 12.52 21.37
N LEU A 249 -21.00 12.02 22.43
CA LEU A 249 -20.06 12.83 23.21
C LEU A 249 -18.93 13.38 22.31
N GLY A 250 -18.47 12.54 21.36
CA GLY A 250 -17.38 12.89 20.48
C GLY A 250 -17.82 13.57 19.18
N GLU A 251 -19.11 13.82 19.03
CA GLU A 251 -19.62 14.33 17.77
C GLU A 251 -19.07 15.70 17.37
N GLU A 252 -19.15 16.67 18.26
CA GLU A 252 -18.70 18.02 17.93
C GLU A 252 -17.19 18.09 17.67
N GLN A 253 -16.41 17.36 18.46
CA GLN A 253 -14.97 17.21 18.27
C GLN A 253 -14.67 16.74 16.84
N LEU A 254 -15.32 15.66 16.45
CA LEU A 254 -15.12 15.09 15.11
C LEU A 254 -15.57 16.07 14.00
N ALA A 255 -16.76 16.65 14.17
CA ALA A 255 -17.33 17.60 13.21
C ALA A 255 -16.41 18.79 12.99
N GLU A 256 -15.82 19.28 14.07
CA GLU A 256 -14.96 20.46 13.99
C GLU A 256 -13.71 20.12 13.20
N LYS A 257 -13.18 18.94 13.43
CA LYS A 257 -11.98 18.52 12.70
C LYS A 257 -12.25 18.28 11.22
N VAL A 258 -13.42 17.73 10.91
CA VAL A 258 -13.84 17.57 9.51
C VAL A 258 -13.95 18.93 8.85
N ASP A 259 -14.58 19.89 9.53
CA ASP A 259 -14.78 21.23 8.97
CA ASP A 259 -14.77 21.23 8.95
C ASP A 259 -13.44 21.89 8.68
N SER A 260 -12.50 21.77 9.63
CA SER A 260 -11.19 22.41 9.50
CA SER A 260 -11.20 22.41 9.47
C SER A 260 -10.38 21.80 8.34
N LEU A 261 -10.46 20.49 8.19
CA LEU A 261 -9.75 19.82 7.09
C LEU A 261 -10.34 20.19 5.72
N LEU A 262 -11.67 20.14 5.62
CA LEU A 262 -12.36 20.58 4.40
C LEU A 262 -11.97 21.99 4.01
N ALA A 263 -11.87 22.89 5.00
CA ALA A 263 -11.49 24.28 4.73
C ALA A 263 -10.06 24.37 4.15
N LYS A 264 -9.13 23.58 4.69
CA LYS A 264 -7.77 23.55 4.13
C LYS A 264 -7.76 23.06 2.68
N ILE A 265 -8.55 22.02 2.38
CA ILE A 265 -8.64 21.47 1.03
C ILE A 265 -9.27 22.51 0.09
N ARG A 266 -10.33 23.17 0.54
CA ARG A 266 -10.94 24.22 -0.24
C ARG A 266 -9.94 25.32 -0.65
N ARG A 267 -9.03 25.72 0.24
CA ARG A 267 -8.03 26.74 -0.10
CA ARG A 267 -8.07 26.76 -0.12
C ARG A 267 -7.16 26.29 -1.26
N LYS A 268 -6.71 25.03 -1.19
CA LYS A 268 -5.90 24.50 -2.29
C LYS A 268 -6.69 24.33 -3.59
N TYR A 269 -7.95 23.92 -3.50
CA TYR A 269 -8.80 23.75 -4.68
C TYR A 269 -9.01 25.11 -5.36
N ALA A 270 -9.15 26.17 -4.56
CA ALA A 270 -9.27 27.54 -5.10
C ALA A 270 -7.97 27.98 -5.79
N GLU A 271 -6.84 27.73 -5.14
CA GLU A 271 -5.54 28.05 -5.70
C GLU A 271 -5.37 27.42 -7.10
N TYR A 272 -5.78 26.18 -7.26
CA TYR A 272 -5.53 25.45 -8.49
C TYR A 272 -6.73 25.37 -9.45
N GLY A 273 -7.83 26.06 -9.14
CA GLY A 273 -9.00 26.11 -10.03
C GLY A 273 -9.80 24.81 -10.12
N VAL A 274 -9.75 24.02 -9.04
CA VAL A 274 -10.42 22.74 -8.99
C VAL A 274 -11.90 22.93 -8.66
N LYS A 275 -12.78 22.31 -9.44
CA LYS A 275 -14.21 22.46 -9.23
C LYS A 275 -14.90 21.30 -8.56
N GLN A 276 -14.21 20.19 -8.38
CA GLN A 276 -14.80 19.05 -7.67
CA GLN A 276 -14.73 19.04 -7.65
C GLN A 276 -14.95 19.37 -6.17
N GLU A 277 -15.89 18.70 -5.53
CA GLU A 277 -16.15 18.85 -4.09
CA GLU A 277 -16.13 18.90 -4.10
C GLU A 277 -15.02 18.23 -3.25
N PRO A 278 -14.50 18.96 -2.26
CA PRO A 278 -13.57 18.32 -1.32
C PRO A 278 -14.27 17.17 -0.59
N PHE A 279 -13.52 16.11 -0.29
CA PHE A 279 -14.02 15.01 0.51
C PHE A 279 -12.96 14.56 1.47
N VAL A 280 -13.42 13.96 2.57
CA VAL A 280 -12.55 13.47 3.62
C VAL A 280 -12.84 12.01 3.88
N ILE A 281 -11.76 11.23 4.06
CA ILE A 281 -11.89 9.84 4.42
C ILE A 281 -11.70 9.79 5.94
N VAL A 282 -12.69 9.23 6.62
CA VAL A 282 -12.68 9.02 8.09
C VAL A 282 -12.36 7.57 8.36
N LYS A 283 -11.22 7.35 9.02
CA LYS A 283 -10.71 6.00 9.32
C LYS A 283 -10.74 5.76 10.85
N ALA A 284 -11.60 4.86 11.32
CA ALA A 284 -11.68 4.52 12.76
C ALA A 284 -10.80 3.28 12.96
N ASP A 285 -9.68 3.42 13.65
CA ASP A 285 -8.73 2.33 13.87
C ASP A 285 -9.01 1.60 15.20
N ALA A 286 -9.42 0.35 15.11
CA ALA A 286 -9.68 -0.49 16.28
C ALA A 286 -8.60 -1.58 16.42
N GLY A 287 -7.39 -1.31 15.96
CA GLY A 287 -6.27 -2.22 16.24
C GLY A 287 -6.50 -3.60 15.65
N THR A 288 -6.35 -4.64 16.47
CA THR A 288 -6.56 -6.02 16.03
C THR A 288 -7.98 -6.28 15.57
N TYR A 289 -8.93 -5.47 16.03
CA TYR A 289 -10.35 -5.67 15.73
C TYR A 289 -10.74 -5.22 14.31
N GLY A 290 -9.88 -4.40 13.69
CA GLY A 290 -10.05 -3.92 12.33
C GLY A 290 -10.19 -2.40 12.26
N GLY A 292 -12.82 0.84 10.46
CA GLY A 292 -14.06 1.24 9.81
C GLY A 292 -13.78 2.51 9.01
N ILE A 293 -14.30 2.58 7.79
CA ILE A 293 -14.01 3.69 6.88
CA ILE A 293 -14.00 3.65 6.84
C ILE A 293 -15.30 4.27 6.29
N THR A 295 -16.58 8.07 3.86
CA THR A 295 -16.18 9.35 3.25
C THR A 295 -17.26 10.36 3.54
N VAL A 296 -16.84 11.61 3.72
CA VAL A 296 -17.74 12.70 4.02
C VAL A 296 -17.41 13.92 3.17
N LYS A 297 -18.43 14.72 2.89
CA LYS A 297 -18.26 16.00 2.18
C LYS A 297 -18.64 17.21 3.05
N SER A 298 -19.08 16.97 4.27
CA SER A 298 -19.35 18.07 5.20
C SER A 298 -19.32 17.55 6.65
N ALA A 299 -19.15 18.49 7.58
CA ALA A 299 -19.19 18.18 9.01
C ALA A 299 -20.52 17.54 9.38
N ASP A 300 -21.61 17.95 8.70
CA ASP A 300 -22.92 17.35 8.99
C ASP A 300 -23.00 15.86 8.69
N ASP A 301 -22.19 15.37 7.76
CA ASP A 301 -22.14 13.96 7.46
C ASP A 301 -21.63 13.10 8.63
N VAL A 302 -20.93 13.66 9.60
CA VAL A 302 -20.54 12.86 10.78
C VAL A 302 -21.49 13.00 11.98
N ARG A 303 -22.50 13.87 11.86
CA ARG A 303 -23.47 14.08 12.92
C ARG A 303 -24.65 13.13 12.73
N ASP A 304 -25.14 12.62 13.86
CA ASP A 304 -26.38 11.83 13.89
C ASP A 304 -26.31 10.63 12.94
N LEU A 305 -25.21 9.87 13.03
CA LEU A 305 -25.00 8.71 12.17
C LEU A 305 -26.13 7.70 12.34
N ASN A 306 -26.46 6.98 11.28
CA ASN A 306 -27.46 5.94 11.42
C ASN A 306 -26.88 4.63 11.98
N ARG A 307 -27.76 3.68 12.27
CA ARG A 307 -27.37 2.42 12.94
C ARG A 307 -26.24 1.71 12.21
N LYS A 308 -26.37 1.58 10.89
CA LYS A 308 -25.34 0.88 10.12
C LYS A 308 -23.99 1.60 10.16
N GLN A 309 -24.04 2.92 10.05
CA GLN A 309 -22.81 3.74 10.12
C GLN A 309 -22.15 3.66 11.51
N ARG A 310 -22.95 3.70 12.55
CA ARG A 310 -22.44 3.58 13.93
C ARG A 310 -21.74 2.24 14.11
N ASN A 311 -22.36 1.17 13.63
CA ASN A 311 -21.75 -0.17 13.70
C ASN A 311 -20.47 -0.27 12.89
N LYS A 312 -20.45 0.34 11.70
CA LYS A 312 -19.26 0.33 10.88
C LYS A 312 -18.08 1.05 11.54
N SER A 314 -17.72 1.85 14.73
CA SER A 314 -17.32 1.15 15.97
C SER A 314 -16.49 -0.09 15.67
N VAL A 315 -16.61 -0.60 14.43
CA VAL A 315 -15.81 -1.71 13.89
C VAL A 315 -16.32 -3.05 14.38
N VAL A 316 -16.49 -3.22 15.69
CA VAL A 316 -17.00 -4.44 16.24
C VAL A 316 -18.07 -4.15 17.30
N LYS A 317 -18.82 -5.19 17.65
CA LYS A 317 -19.84 -5.09 18.66
C LYS A 317 -19.22 -4.91 20.06
N GLU A 318 -18.01 -5.42 20.28
CA GLU A 318 -17.27 -5.15 21.55
C GLU A 318 -17.11 -3.65 21.71
N GLY A 319 -17.28 -3.13 22.92
CA GLY A 319 -17.29 -1.66 23.15
C GLY A 319 -15.93 -0.97 23.17
N LEU A 320 -15.86 0.22 22.58
CA LEU A 320 -14.70 1.13 22.75
C LEU A 320 -13.35 0.49 22.39
N LYS A 321 -13.30 -0.13 21.21
CA LYS A 321 -12.05 -0.66 20.71
C LYS A 321 -11.33 0.33 19.78
N VAL A 322 -12.01 1.38 19.35
CA VAL A 322 -11.40 2.39 18.49
C VAL A 322 -10.45 3.22 19.34
N SER A 323 -9.17 3.25 18.94
CA SER A 323 -8.16 3.96 19.69
C SER A 323 -7.67 5.27 19.03
N GLU A 324 -8.04 5.46 17.77
CA GLU A 324 -7.62 6.65 17.03
C GLU A 324 -8.54 6.77 15.85
N VAL A 325 -8.85 8.01 15.49
CA VAL A 325 -9.59 8.30 14.26
C VAL A 325 -8.69 9.19 13.42
N ILE A 326 -8.43 8.75 12.19
CA ILE A 326 -7.61 9.49 11.24
C ILE A 326 -8.54 10.09 10.18
N LEU A 327 -8.39 11.38 9.94
CA LEU A 327 -9.13 12.08 8.91
CA LEU A 327 -9.13 12.11 8.93
C LEU A 327 -8.15 12.45 7.82
N GLN A 328 -8.41 12.01 6.59
CA GLN A 328 -7.49 12.31 5.50
C GLN A 328 -8.23 12.99 4.33
N GLU A 329 -7.59 13.99 3.74
CA GLU A 329 -8.02 14.55 2.47
C GLU A 329 -8.18 13.42 1.44
N GLY A 330 -9.36 13.31 0.86
CA GLY A 330 -9.61 12.36 -0.22
C GLY A 330 -9.00 12.87 -1.51
N VAL A 331 -8.45 11.97 -2.33
CA VAL A 331 -7.82 12.33 -3.62
C VAL A 331 -8.63 11.66 -4.70
N TYR A 332 -8.98 12.41 -5.74
CA TYR A 332 -9.73 11.87 -6.87
C TYR A 332 -8.82 11.10 -7.78
N THR A 333 -9.37 10.08 -8.45
CA THR A 333 -8.71 9.55 -9.63
C THR A 333 -9.59 9.83 -10.85
N PHE A 334 -9.01 10.44 -11.89
CA PHE A 334 -9.74 10.68 -13.14
C PHE A 334 -9.26 9.78 -14.27
N GLU A 335 -8.43 8.79 -13.96
CA GLU A 335 -8.04 7.84 -15.00
C GLU A 335 -9.23 6.89 -15.26
N HIS A 336 -9.53 6.64 -16.52
CA HIS A 336 -10.58 5.73 -16.91
C HIS A 336 -10.11 4.81 -18.02
N LEU A 337 -10.54 3.56 -17.94
CA LEU A 337 -10.49 2.64 -19.07
C LEU A 337 -11.89 2.58 -19.63
N LYS A 338 -12.09 3.33 -20.71
CA LYS A 338 -13.40 3.55 -21.28
C LYS A 338 -14.32 4.09 -20.19
N ASP A 339 -15.38 3.38 -19.83
CA ASP A 339 -16.30 3.87 -18.81
CA ASP A 339 -16.32 3.80 -18.79
C ASP A 339 -15.89 3.56 -17.36
N ALA A 340 -14.85 2.76 -17.17
CA ALA A 340 -14.47 2.31 -15.82
C ALA A 340 -13.37 3.19 -15.24
N VAL A 341 -13.54 3.61 -13.99
CA VAL A 341 -12.48 4.30 -13.24
C VAL A 341 -11.30 3.31 -13.00
N ALA A 342 -10.09 3.80 -13.13
CA ALA A 342 -8.88 3.00 -12.91
C ALA A 342 -7.96 3.75 -11.96
N GLU A 343 -7.15 3.01 -11.18
CA GLU A 343 -6.15 3.62 -10.33
C GLU A 343 -4.95 2.67 -10.17
N PRO A 344 -3.74 3.22 -10.22
CA PRO A 344 -2.54 2.36 -10.30
C PRO A 344 -1.99 1.89 -8.96
N VAL A 345 -1.35 0.73 -9.04
CA VAL A 345 -0.63 0.08 -7.94
CA VAL A 345 -0.59 0.20 -7.92
C VAL A 345 0.80 -0.20 -8.42
N ILE A 346 1.81 0.32 -7.72
CA ILE A 346 3.19 0.22 -8.11
C ILE A 346 3.88 -0.81 -7.18
N TYR A 347 4.53 -1.81 -7.78
CA TYR A 347 5.25 -2.87 -7.06
C TYR A 347 6.77 -2.60 -7.01
N ASP A 350 13.09 -4.73 -2.87
CA ASP A 350 14.17 -3.85 -2.36
C ASP A 350 13.71 -2.41 -2.72
N HIS A 351 14.61 -1.54 -3.17
CA HIS A 351 14.15 -0.16 -3.49
C HIS A 351 13.93 0.06 -5.00
N PHE A 352 13.67 -1.02 -5.74
CA PHE A 352 13.51 -0.96 -7.20
C PHE A 352 12.06 -1.14 -7.60
N VAL A 353 11.59 -0.29 -8.51
CA VAL A 353 10.26 -0.47 -9.08
C VAL A 353 10.28 -1.60 -10.12
N VAL A 354 9.44 -2.62 -9.93
CA VAL A 354 9.42 -3.77 -10.83
C VAL A 354 8.25 -3.83 -11.79
N GLY A 355 7.25 -3.00 -11.56
CA GLY A 355 6.04 -3.01 -12.39
C GLY A 355 4.83 -2.64 -11.56
N GLY A 356 3.68 -3.20 -11.95
CA GLY A 356 2.43 -2.97 -11.26
C GLY A 356 1.23 -3.20 -12.14
N PHE A 357 0.07 -2.70 -11.70
CA PHE A 357 -1.15 -2.89 -12.42
C PHE A 357 -2.15 -1.82 -12.04
N TYR A 358 -3.15 -1.61 -12.90
CA TYR A 358 -4.31 -0.79 -12.53
C TYR A 358 -5.41 -1.62 -11.88
N ARG A 359 -6.07 -1.03 -10.89
CA ARG A 359 -7.34 -1.54 -10.38
C ARG A 359 -8.43 -0.83 -11.19
N VAL A 360 -9.15 -1.60 -12.00
CA VAL A 360 -10.19 -1.10 -12.86
C VAL A 360 -11.51 -1.42 -12.15
N HIS A 361 -12.16 -0.37 -11.67
CA HIS A 361 -13.39 -0.52 -10.89
C HIS A 361 -14.46 -1.31 -11.62
N THR A 362 -15.08 -2.27 -10.92
CA THR A 362 -16.23 -3.00 -11.46
C THR A 362 -17.54 -2.21 -11.31
N SER A 363 -17.67 -1.38 -10.30
CA SER A 363 -18.82 -0.49 -10.18
C SER A 363 -18.74 0.62 -11.23
N ARG A 364 -19.91 1.21 -11.50
CA ARG A 364 -20.04 2.26 -12.54
CA ARG A 364 -20.05 2.23 -12.50
C ARG A 364 -20.76 3.60 -12.25
C ARG A 364 -20.87 3.29 -11.80
N GLY A 365 -20.92 4.04 -11.01
N GLY A 365 -20.73 4.53 -12.19
CA GLY A 365 -21.59 5.36 -10.76
CA GLY A 365 -21.52 5.52 -11.50
C GLY A 365 -20.73 6.62 -10.94
C GLY A 365 -20.68 6.72 -11.22
N ALA A 366 -21.38 7.80 -10.91
CA ALA A 366 -20.73 9.12 -10.99
C ALA A 366 -19.64 9.33 -9.93
N ASP A 367 -19.73 8.62 -8.81
CA ASP A 367 -18.78 8.83 -7.71
C ASP A 367 -17.66 7.77 -7.59
N GLU A 368 -17.49 6.96 -8.64
CA GLU A 368 -16.38 6.02 -8.67
C GLU A 368 -15.02 6.71 -8.76
N ASN A 369 -14.98 7.96 -9.17
CA ASN A 369 -13.74 8.76 -9.12
C ASN A 369 -13.31 9.12 -7.68
N LEU A 370 -14.23 8.89 -6.72
CA LEU A 370 -14.05 9.20 -5.30
C LEU A 370 -13.96 7.88 -4.49
N ASN A 371 -14.95 7.01 -4.67
CA ASN A 371 -15.05 5.74 -3.88
C ASN A 371 -13.81 4.87 -4.01
N ALA A 372 -13.35 4.32 -2.88
CA ALA A 372 -12.24 3.35 -2.88
C ALA A 372 -12.82 2.05 -3.43
N PRO A 373 -12.11 1.34 -4.30
CA PRO A 373 -12.72 0.16 -4.93
C PRO A 373 -12.79 -1.09 -4.02
N GLY A 374 -11.99 -1.14 -2.98
CA GLY A 374 -11.90 -2.38 -2.17
C GLY A 374 -11.52 -3.55 -3.06
N HIS A 376 -13.63 -4.70 -5.34
CA HIS A 376 -14.43 -4.59 -6.55
C HIS A 376 -13.65 -3.95 -7.71
N PHE A 377 -12.74 -4.74 -8.26
CA PHE A 377 -11.91 -4.31 -9.37
C PHE A 377 -11.44 -5.53 -10.14
N GLU A 378 -11.09 -5.33 -11.40
CA GLU A 378 -10.34 -6.28 -12.17
C GLU A 378 -8.94 -5.65 -12.48
N PRO A 379 -7.87 -6.44 -12.41
CA PRO A 379 -6.51 -5.90 -12.68
C PRO A 379 -6.27 -5.69 -14.15
N LEU A 380 -5.48 -4.68 -14.50
CA LEU A 380 -5.05 -4.44 -15.87
C LEU A 380 -3.58 -4.14 -15.81
N THR A 381 -2.77 -5.00 -16.41
CA THR A 381 -1.33 -4.89 -16.19
C THR A 381 -0.75 -3.65 -16.92
N PHE A 382 0.28 -3.09 -16.30
CA PHE A 382 1.00 -1.92 -16.84
C PHE A 382 1.71 -2.33 -18.12
N GLU A 383 1.66 -1.46 -19.10
CA GLU A 383 2.35 -1.62 -20.37
C GLU A 383 3.70 -0.84 -20.44
N THR A 384 3.91 0.11 -19.55
CA THR A 384 5.04 1.03 -19.65
C THR A 384 5.92 0.85 -18.43
N PRO A 385 7.26 0.79 -18.60
CA PRO A 385 8.16 0.77 -17.45
C PRO A 385 8.16 2.08 -16.70
N CYS A 386 8.54 2.06 -15.42
CA CYS A 386 8.65 3.27 -14.58
C CYS A 386 10.05 3.83 -14.48
N SER A 387 11.05 3.17 -15.06
CA SER A 387 12.43 3.54 -14.86
C SER A 387 13.13 4.07 -16.12
N THR A 388 12.33 4.50 -17.10
CA THR A 388 12.83 4.92 -18.42
C THR A 388 12.29 6.29 -18.81
N PRO A 389 12.52 7.30 -17.97
CA PRO A 389 12.04 8.65 -18.37
C PRO A 389 12.74 9.19 -19.66
N ASP A 390 12.04 10.07 -20.35
CA ASP A 390 12.58 10.78 -21.51
C ASP A 390 12.58 12.26 -21.16
N CYS A 391 13.72 12.72 -20.63
CA CYS A 391 13.77 14.04 -19.99
C CYS A 391 13.51 15.22 -20.93
N ALA A 392 13.81 15.06 -22.21
CA ALA A 392 13.55 16.08 -23.19
C ALA A 392 12.19 15.91 -23.89
N GLY A 393 11.45 14.85 -23.58
CA GLY A 393 10.15 14.58 -24.22
C GLY A 393 8.99 15.34 -23.61
N ALA A 394 7.78 15.01 -24.02
CA ALA A 394 6.58 15.64 -23.44
C ALA A 394 6.49 15.20 -21.96
N PRO A 395 6.23 16.15 -21.06
CA PRO A 395 6.21 15.80 -19.65
C PRO A 395 5.20 14.71 -19.29
N ASP A 396 4.05 14.65 -19.99
CA ASP A 396 3.06 13.59 -19.75
C ASP A 396 3.06 12.47 -20.79
N ALA A 397 4.15 12.31 -21.55
CA ALA A 397 4.33 11.11 -22.34
C ALA A 397 4.31 9.90 -21.38
N ALA A 398 3.89 8.74 -21.89
CA ALA A 398 3.71 7.57 -21.03
C ALA A 398 4.92 7.20 -20.16
N PRO A 399 6.13 7.16 -20.74
CA PRO A 399 7.29 6.84 -19.89
C PRO A 399 7.56 7.88 -18.82
N ASN A 400 7.13 9.09 -19.05
CA ASN A 400 7.31 10.18 -18.07
C ASN A 400 6.23 10.20 -16.99
N ARG A 401 4.97 9.88 -17.36
CA ARG A 401 3.93 9.64 -16.41
C ARG A 401 4.34 8.51 -15.47
N PHE A 402 4.83 7.41 -16.05
CA PHE A 402 5.19 6.22 -15.23
C PHE A 402 6.44 6.43 -14.40
N TYR A 403 7.39 7.24 -14.89
CA TYR A 403 8.51 7.66 -14.08
C TYR A 403 8.01 8.41 -12.83
N ALA A 404 7.07 9.34 -13.03
CA ALA A 404 6.48 10.07 -11.92
C ALA A 404 5.77 9.13 -10.94
N TYR A 405 5.03 8.14 -11.46
CA TYR A 405 4.40 7.15 -10.57
C TYR A 405 5.47 6.43 -9.72
N GLY A 406 6.57 6.03 -10.35
CA GLY A 406 7.63 5.33 -9.63
C GLY A 406 8.36 6.18 -8.61
N VAL A 407 8.46 7.48 -8.88
CA VAL A 407 9.04 8.40 -7.90
C VAL A 407 8.15 8.53 -6.63
N VAL A 408 6.85 8.77 -6.82
CA VAL A 408 5.96 8.95 -5.70
C VAL A 408 5.83 7.62 -4.93
N ALA A 409 5.82 6.51 -5.64
CA ALA A 409 5.81 5.18 -4.97
C ALA A 409 7.03 4.93 -4.11
N ARG A 410 8.19 5.34 -4.60
CA ARG A 410 9.42 5.25 -3.82
C ARG A 410 9.48 6.22 -2.61
N LEU A 411 8.88 7.40 -2.72
CA LEU A 411 8.73 8.29 -1.55
C LEU A 411 7.89 7.61 -0.47
N ALA A 412 6.78 7.00 -0.89
CA ALA A 412 5.91 6.27 0.06
C ALA A 412 6.65 5.05 0.66
N LEU A 413 7.44 4.35 -0.15
CA LEU A 413 8.28 3.26 0.36
C LEU A 413 9.28 3.72 1.41
N LEU A 414 9.94 4.84 1.16
CA LEU A 414 10.90 5.40 2.10
C LEU A 414 10.21 5.76 3.43
N ALA A 415 9.04 6.38 3.32
CA ALA A 415 8.29 6.72 4.51
C ALA A 415 7.93 5.48 5.34
N ALA A 416 7.46 4.43 4.69
CA ALA A 416 7.11 3.16 5.38
C ALA A 416 8.35 2.54 6.06
N THR A 417 9.50 2.64 5.40
CA THR A 417 10.78 2.13 5.89
C THR A 417 11.19 2.88 7.19
N ILE A 418 11.10 4.20 7.14
CA ILE A 418 11.37 5.05 8.30
C ILE A 418 10.39 4.73 9.44
N GLU A 419 9.10 4.71 9.15
CA GLU A 419 8.08 4.35 10.12
C GLU A 419 8.39 3.01 10.82
N LEU A 420 8.67 1.97 10.04
CA LEU A 420 8.93 0.63 10.57
C LEU A 420 10.21 0.61 11.43
N GLN A 421 11.25 1.33 11.02
CA GLN A 421 12.47 1.42 11.83
C GLN A 421 12.18 2.01 13.19
N GLU A 422 11.25 2.96 13.24
CA GLU A 422 10.92 3.74 14.45
C GLU A 422 9.89 3.03 15.37
N THR A 423 9.34 1.91 14.93
CA THR A 423 8.71 0.96 15.86
C THR A 423 9.76 0.00 16.49
N ASP A 424 10.99 0.03 15.96
CA ASP A 424 12.19 -0.69 16.46
C ASP A 424 12.39 -2.05 15.81
#